data_8JRJ
#
_entry.id   8JRJ
#
_cell.length_a   92.560
_cell.length_b   92.560
_cell.length_c   108.780
_cell.angle_alpha   90.00
_cell.angle_beta   90.00
_cell.angle_gamma   90.00
#
_symmetry.space_group_name_H-M   'P 42 21 2'
#
loop_
_entity.id
_entity.type
_entity.pdbx_description
1 polymer 'HLA class II histocompatibility antigen, DR alpha chain'
2 polymer 'MHC class II histocompatibility antigen, DR-1 beta chain'
3 polymer ALA-SER-PHE-ILE-ILE-ARG-SER-MET-PRO-GLN-GLU-THR
4 water water
#
loop_
_entity_poly.entity_id
_entity_poly.type
_entity_poly.pdbx_seq_one_letter_code
_entity_poly.pdbx_strand_id
1 'polypeptide(L)'
;IKEDHVIIQAEFFMEPDLTGEFMFDFDGDEIFHVDMQKKETVWRLEEFGKFASFEAQGALANIAVDKANLETMMKRSNYT
PNTNVPPEMTVFPNKAVELGEPNILICFIDKFSPPVLNVTWLQNGKPVTTGVSETVFLPREDHLFRKFYYLPFLPSNEDV
YDCKVEHWGLEEPLIKHWEFEA
;
A
2 'polypeptide(L)'
;RDTPAHFLYQVKFECQFSNGTERVRYLHRSIYNGQEDVRFDSDVGEFRALTELGRPRAEYWNSQKDYLEDERASVDTYCR
HNYGVLDGFLVHRQTAPTVTVFPAKTQRLQHHNLLVCSVNGFYPGPIEVRWLRDGREEQAGVVSTGLIRNGDWTFQMLVM
LETVPRSGEVYTCHVQHPSSSSPVTVEWRA
;
B
3 'polypeptide(L)' ASFIIRSMPQET E
#
# COMPACT_ATOMS: atom_id res chain seq x y z
N GLU A 3 11.95 -10.01 8.31
CA GLU A 3 11.65 -11.16 7.38
C GLU A 3 11.50 -10.68 5.92
N ASP A 4 11.46 -11.63 4.96
CA ASP A 4 11.79 -11.41 3.53
C ASP A 4 10.60 -10.89 2.72
N HIS A 5 9.43 -11.55 2.78
CA HIS A 5 8.21 -11.17 2.01
C HIS A 5 6.94 -11.34 2.84
N VAL A 6 5.88 -10.59 2.48
CA VAL A 6 4.56 -10.57 3.18
C VAL A 6 3.41 -10.72 2.16
N ILE A 7 2.35 -11.45 2.50
CA ILE A 7 1.13 -11.54 1.65
C ILE A 7 -0.12 -11.29 2.49
N ILE A 8 -0.59 -10.03 2.54
CA ILE A 8 -1.78 -9.61 3.34
C ILE A 8 -3.03 -9.73 2.46
N GLN A 9 -4.01 -10.51 2.92
CA GLN A 9 -5.42 -10.46 2.45
C GLN A 9 -6.18 -9.52 3.41
N ALA A 10 -6.43 -8.26 3.04
CA ALA A 10 -7.13 -7.28 3.90
C ALA A 10 -8.59 -7.12 3.47
N GLU A 11 -9.53 -7.41 4.35
CA GLU A 11 -10.97 -7.05 4.14
C GLU A 11 -11.35 -6.01 5.19
N PHE A 12 -12.38 -5.22 4.89
CA PHE A 12 -13.06 -4.36 5.88
C PHE A 12 -14.55 -4.22 5.51
N PHE A 13 -15.36 -3.96 6.52
CA PHE A 13 -16.74 -3.46 6.33
C PHE A 13 -16.98 -2.35 7.35
N MET A 14 -17.78 -1.37 6.94
CA MET A 14 -18.00 -0.13 7.71
C MET A 14 -19.48 0.26 7.66
N GLU A 15 -20.05 0.62 8.80
CA GLU A 15 -21.47 1.01 8.91
C GLU A 15 -21.55 2.44 9.41
N PRO A 16 -22.45 3.30 8.91
CA PRO A 16 -23.58 2.89 8.09
C PRO A 16 -23.38 3.22 6.61
N ASP A 17 -22.13 3.44 6.21
CA ASP A 17 -21.83 3.78 4.79
C ASP A 17 -22.03 2.52 3.95
N LEU A 18 -22.01 1.38 4.62
CA LEU A 18 -22.21 0.03 4.01
C LEU A 18 -21.30 -0.15 2.79
N THR A 19 -19.99 0.12 2.94
CA THR A 19 -18.99 -0.13 1.89
C THR A 19 -18.11 -1.32 2.29
N GLY A 20 -17.67 -2.09 1.29
CA GLY A 20 -16.71 -3.19 1.46
C GLY A 20 -15.46 -2.91 0.66
N GLU A 21 -14.33 -3.43 1.15
CA GLU A 21 -13.10 -3.68 0.34
C GLU A 21 -12.54 -5.05 0.73
N PHE A 22 -12.08 -5.77 -0.28
CA PHE A 22 -11.40 -7.08 -0.20
C PHE A 22 -10.25 -7.01 -1.19
N MET A 23 -9.02 -6.93 -0.68
CA MET A 23 -7.84 -6.82 -1.56
C MET A 23 -6.76 -7.76 -1.05
N PHE A 24 -5.75 -8.03 -1.90
CA PHE A 24 -4.53 -8.79 -1.57
C PHE A 24 -3.37 -7.83 -1.76
N ASP A 25 -2.45 -7.80 -0.80
CA ASP A 25 -1.26 -6.93 -0.83
C ASP A 25 -0.01 -7.81 -0.97
N PHE A 26 1.10 -7.29 -1.50
CA PHE A 26 2.41 -8.00 -1.47
C PHE A 26 3.55 -7.01 -1.34
N ASP A 27 4.39 -7.23 -0.31
CA ASP A 27 5.54 -6.36 0.05
C ASP A 27 5.10 -4.91 -0.15
N GLY A 28 3.85 -4.57 0.22
CA GLY A 28 3.38 -3.17 0.37
C GLY A 28 2.55 -2.64 -0.81
N ASP A 29 2.50 -3.34 -1.94
CA ASP A 29 1.78 -2.87 -3.15
C ASP A 29 0.60 -3.81 -3.38
N GLU A 30 -0.50 -3.29 -3.91
CA GLU A 30 -1.74 -4.08 -4.13
C GLU A 30 -1.52 -5.09 -5.27
N ILE A 31 -1.98 -6.32 -5.09
CA ILE A 31 -2.00 -7.32 -6.19
C ILE A 31 -3.27 -7.04 -6.97
N PHE A 32 -4.40 -7.43 -6.41
CA PHE A 32 -5.72 -7.18 -7.01
C PHE A 32 -6.66 -6.75 -5.89
N HIS A 33 -7.93 -6.45 -6.24
CA HIS A 33 -9.08 -6.27 -5.31
C HIS A 33 -10.36 -6.73 -5.99
N VAL A 34 -11.40 -6.97 -5.22
CA VAL A 34 -12.74 -7.28 -5.79
C VAL A 34 -13.63 -6.03 -5.70
N ASP A 35 -14.19 -5.62 -6.85
CA ASP A 35 -15.24 -4.58 -7.01
C ASP A 35 -16.60 -5.12 -6.53
N MET A 36 -17.20 -4.52 -5.49
CA MET A 36 -18.49 -4.94 -4.88
C MET A 36 -19.66 -4.75 -5.88
N GLN A 37 -19.56 -3.75 -6.75
CA GLN A 37 -20.64 -3.29 -7.66
C GLN A 37 -20.61 -4.19 -8.91
N LYS A 38 -19.42 -4.31 -9.50
CA LYS A 38 -19.13 -5.13 -10.72
C LYS A 38 -18.81 -6.58 -10.33
N LYS A 39 -18.69 -6.88 -9.04
CA LYS A 39 -18.53 -8.25 -8.50
C LYS A 39 -17.52 -9.00 -9.37
N GLU A 40 -16.35 -8.41 -9.60
CA GLU A 40 -15.28 -8.91 -10.50
C GLU A 40 -13.90 -8.63 -9.89
N THR A 41 -12.97 -9.57 -10.04
CA THR A 41 -11.54 -9.38 -9.72
C THR A 41 -10.97 -8.23 -10.56
N VAL A 42 -10.12 -7.38 -9.97
CA VAL A 42 -9.57 -6.17 -10.65
C VAL A 42 -8.09 -6.04 -10.32
N TRP A 43 -7.26 -6.64 -11.16
CA TRP A 43 -5.78 -6.71 -11.02
C TRP A 43 -5.30 -5.26 -10.94
N ARG A 44 -4.33 -4.96 -10.07
CA ARG A 44 -3.73 -3.60 -9.97
C ARG A 44 -3.10 -3.30 -11.33
N LEU A 45 -2.32 -4.24 -11.85
CA LEU A 45 -1.75 -4.18 -13.22
C LEU A 45 -2.43 -5.26 -14.06
N GLU A 46 -2.89 -4.86 -15.26
CA GLU A 46 -3.68 -5.71 -16.19
C GLU A 46 -2.95 -7.05 -16.34
N GLU A 47 -1.62 -6.97 -16.51
CA GLU A 47 -0.69 -8.10 -16.72
C GLU A 47 -0.89 -9.26 -15.72
N PHE A 48 -1.27 -8.98 -14.47
CA PHE A 48 -1.43 -10.02 -13.41
C PHE A 48 -2.56 -11.00 -13.77
N GLY A 49 -3.61 -10.55 -14.46
CA GLY A 49 -4.70 -11.40 -15.01
C GLY A 49 -4.16 -12.59 -15.80
N LYS A 50 -3.03 -12.39 -16.49
CA LYS A 50 -2.36 -13.41 -17.35
C LYS A 50 -1.75 -14.53 -16.50
N PHE A 51 -1.23 -14.20 -15.30
CA PHE A 51 -0.38 -15.10 -14.49
C PHE A 51 -1.19 -15.80 -13.38
N ALA A 52 -2.45 -15.39 -13.12
CA ALA A 52 -3.30 -15.95 -12.04
C ALA A 52 -4.79 -15.64 -12.26
N SER A 53 -5.64 -16.17 -11.38
CA SER A 53 -7.11 -15.91 -11.36
C SER A 53 -7.64 -16.03 -9.92
N PHE A 54 -8.86 -15.54 -9.68
CA PHE A 54 -9.55 -15.64 -8.36
C PHE A 54 -11.07 -15.41 -8.47
N GLU A 55 -11.89 -16.46 -8.31
CA GLU A 55 -13.37 -16.34 -8.43
C GLU A 55 -13.86 -15.39 -7.33
N ALA A 56 -14.37 -14.23 -7.74
CA ALA A 56 -14.72 -13.09 -6.87
C ALA A 56 -15.82 -13.46 -5.87
N GLN A 57 -16.59 -14.51 -6.13
CA GLN A 57 -17.78 -14.83 -5.29
C GLN A 57 -17.31 -15.23 -3.88
N GLY A 58 -16.07 -15.70 -3.74
CA GLY A 58 -15.53 -16.06 -2.41
C GLY A 58 -15.41 -14.84 -1.51
N ALA A 59 -14.86 -13.75 -2.06
CA ALA A 59 -14.65 -12.48 -1.35
C ALA A 59 -16.01 -11.85 -0.95
N LEU A 60 -17.04 -11.94 -1.80
CA LEU A 60 -18.35 -11.32 -1.48
C LEU A 60 -19.03 -12.15 -0.39
N ALA A 61 -18.80 -13.46 -0.40
CA ALA A 61 -19.18 -14.38 0.69
C ALA A 61 -18.55 -13.88 2.00
N ASN A 62 -17.21 -13.76 2.04
CA ASN A 62 -16.41 -13.29 3.21
C ASN A 62 -16.89 -11.93 3.69
N ILE A 63 -17.00 -10.97 2.78
CA ILE A 63 -17.38 -9.56 3.07
C ILE A 63 -18.73 -9.58 3.78
N ALA A 64 -19.68 -10.40 3.28
CA ALA A 64 -21.05 -10.54 3.85
C ALA A 64 -20.99 -11.20 5.23
N VAL A 65 -19.96 -11.99 5.49
CA VAL A 65 -19.69 -12.54 6.85
C VAL A 65 -19.01 -11.43 7.65
N ASP A 66 -18.11 -10.64 7.06
CA ASP A 66 -17.55 -9.46 7.79
C ASP A 66 -18.69 -8.58 8.33
N LYS A 67 -19.77 -8.39 7.56
CA LYS A 67 -20.84 -7.41 7.88
C LYS A 67 -21.50 -7.87 9.18
N ALA A 68 -21.97 -9.12 9.21
CA ALA A 68 -22.69 -9.71 10.36
C ALA A 68 -21.81 -9.51 11.60
N ASN A 69 -20.52 -9.81 11.46
CA ASN A 69 -19.56 -9.70 12.59
C ASN A 69 -19.46 -8.23 13.00
N LEU A 70 -19.68 -7.28 12.09
CA LEU A 70 -19.65 -5.84 12.48
C LEU A 70 -20.84 -5.58 13.40
N GLU A 71 -22.06 -5.88 12.95
CA GLU A 71 -23.31 -5.75 13.76
C GLU A 71 -23.09 -6.35 15.16
N THR A 72 -22.56 -7.56 15.22
CA THR A 72 -22.31 -8.24 16.51
C THR A 72 -21.43 -7.34 17.38
N MET A 73 -20.26 -6.92 16.90
CA MET A 73 -19.23 -6.24 17.74
C MET A 73 -19.81 -4.91 18.23
N MET A 74 -20.59 -4.22 17.40
CA MET A 74 -21.26 -2.95 17.77
C MET A 74 -22.13 -3.19 19.01
N LYS A 75 -23.13 -4.09 18.91
CA LYS A 75 -24.04 -4.49 20.03
C LYS A 75 -23.21 -4.81 21.28
N ARG A 76 -22.22 -5.69 21.13
CA ARG A 76 -21.26 -6.10 22.19
C ARG A 76 -20.45 -4.91 22.74
N SER A 77 -20.13 -3.89 21.93
CA SER A 77 -19.21 -2.79 22.30
C SER A 77 -20.00 -1.58 22.81
N ASN A 78 -21.34 -1.65 22.75
CA ASN A 78 -22.30 -0.59 23.17
C ASN A 78 -22.12 0.62 22.25
N TYR A 79 -22.21 0.37 20.95
CA TYR A 79 -22.23 1.38 19.85
C TYR A 79 -21.20 2.49 20.11
N THR A 80 -20.02 2.13 20.65
CA THR A 80 -18.82 2.99 20.73
C THR A 80 -18.24 3.19 19.33
N PRO A 81 -18.24 4.44 18.81
CA PRO A 81 -17.80 4.70 17.44
C PRO A 81 -16.28 4.52 17.28
N ASN A 82 -15.87 4.41 16.02
CA ASN A 82 -14.47 4.45 15.56
C ASN A 82 -13.94 5.86 15.80
N THR A 83 -12.69 5.94 16.23
CA THR A 83 -11.95 7.20 16.43
C THR A 83 -11.40 7.62 15.08
N ASN A 84 -11.72 8.83 14.65
CA ASN A 84 -11.26 9.41 13.36
C ASN A 84 -9.82 9.86 13.61
N VAL A 85 -8.90 9.24 12.87
CA VAL A 85 -7.47 9.67 12.79
C VAL A 85 -7.28 10.30 11.41
N PRO A 86 -6.92 11.61 11.34
CA PRO A 86 -6.83 12.31 10.06
C PRO A 86 -5.49 11.99 9.43
N PRO A 87 -5.39 12.10 8.08
CA PRO A 87 -4.19 11.74 7.33
C PRO A 87 -3.08 12.79 7.17
N GLU A 88 -1.88 12.36 6.77
CA GLU A 88 -0.81 13.22 6.21
C GLU A 88 -0.86 13.06 4.67
N MET A 89 -0.33 14.03 3.93
CA MET A 89 -0.50 14.08 2.46
C MET A 89 0.81 14.47 1.74
N THR A 90 0.98 13.94 0.53
CA THR A 90 2.13 14.21 -0.34
C THR A 90 1.65 14.24 -1.79
N VAL A 91 2.00 15.34 -2.46
CA VAL A 91 1.81 15.55 -3.91
C VAL A 91 3.20 15.59 -4.52
N PHE A 92 3.44 14.78 -5.54
CA PHE A 92 4.77 14.60 -6.19
C PHE A 92 4.59 13.90 -7.53
N PRO A 93 5.42 14.30 -8.51
CA PRO A 93 5.41 13.70 -9.85
C PRO A 93 5.91 12.25 -9.92
N ASN A 94 5.33 11.46 -10.83
CA ASN A 94 5.58 9.99 -10.99
C ASN A 94 6.95 9.78 -11.65
N LYS A 95 7.17 10.42 -12.79
CA LYS A 95 8.49 10.49 -13.47
C LYS A 95 9.15 11.82 -13.11
N ALA A 96 10.42 12.02 -13.45
CA ALA A 96 11.11 13.33 -13.39
C ALA A 96 10.37 14.31 -14.33
N VAL A 97 10.40 15.60 -14.03
CA VAL A 97 9.57 16.61 -14.74
C VAL A 97 10.34 17.11 -15.96
N GLU A 98 9.72 17.07 -17.15
CA GLU A 98 10.31 17.64 -18.40
C GLU A 98 9.19 18.29 -19.23
N LEU A 99 9.31 19.58 -19.53
CA LEU A 99 8.14 20.39 -19.96
C LEU A 99 7.64 19.89 -21.31
N GLY A 100 6.32 19.71 -21.45
CA GLY A 100 5.62 19.24 -22.65
C GLY A 100 5.53 17.73 -22.74
N GLU A 101 6.05 16.98 -21.76
CA GLU A 101 6.16 15.49 -21.84
C GLU A 101 5.20 14.89 -20.81
N PRO A 102 4.17 14.10 -21.22
CA PRO A 102 3.24 13.48 -20.28
C PRO A 102 3.92 12.85 -19.05
N ASN A 103 3.24 13.04 -17.91
CA ASN A 103 3.69 12.57 -16.59
C ASN A 103 2.45 12.27 -15.76
N ILE A 104 2.60 11.71 -14.55
CA ILE A 104 1.45 11.57 -13.59
C ILE A 104 1.79 12.28 -12.28
N LEU A 105 0.78 12.94 -11.72
CA LEU A 105 0.87 13.64 -10.41
C LEU A 105 0.24 12.70 -9.37
N ILE A 106 1.04 12.25 -8.41
CA ILE A 106 0.50 11.39 -7.32
C ILE A 106 0.18 12.27 -6.12
N CYS A 107 -1.05 12.13 -5.67
CA CYS A 107 -1.50 12.50 -4.31
C CYS A 107 -1.59 11.22 -3.50
N PHE A 108 -0.71 11.07 -2.50
CA PHE A 108 -0.65 9.91 -1.58
C PHE A 108 -1.16 10.35 -0.20
N ILE A 109 -2.19 9.67 0.31
CA ILE A 109 -2.83 10.02 1.62
C ILE A 109 -2.55 8.91 2.62
N ASP A 110 -1.91 9.21 3.74
CA ASP A 110 -1.28 8.18 4.61
C ASP A 110 -1.76 8.31 6.05
N LYS A 111 -1.78 7.18 6.76
CA LYS A 111 -1.95 7.09 8.25
C LYS A 111 -3.27 7.75 8.65
N PHE A 112 -4.38 7.39 8.04
CA PHE A 112 -5.71 7.90 8.43
C PHE A 112 -6.61 6.73 8.79
N SER A 113 -7.70 7.02 9.50
CA SER A 113 -8.90 6.16 9.66
C SER A 113 -10.10 7.07 9.91
N PRO A 114 -11.33 6.68 9.51
CA PRO A 114 -11.60 5.40 8.86
C PRO A 114 -11.34 5.48 7.36
N PRO A 115 -11.72 4.47 6.54
CA PRO A 115 -11.41 4.49 5.11
C PRO A 115 -12.54 5.15 4.30
N VAL A 116 -12.75 6.45 4.52
CA VAL A 116 -13.59 7.33 3.67
C VAL A 116 -12.76 8.58 3.35
N LEU A 117 -12.81 9.05 2.10
CA LEU A 117 -12.09 10.26 1.61
C LEU A 117 -12.95 10.97 0.57
N ASN A 118 -13.09 12.28 0.65
CA ASN A 118 -13.50 13.10 -0.52
C ASN A 118 -12.25 13.80 -1.03
N VAL A 119 -11.63 13.19 -2.05
CA VAL A 119 -10.44 13.75 -2.73
C VAL A 119 -10.91 14.42 -4.02
N THR A 120 -10.42 15.63 -4.24
CA THR A 120 -10.73 16.51 -5.39
C THR A 120 -9.39 17.01 -5.89
N TRP A 121 -9.09 16.71 -7.14
CA TRP A 121 -7.90 17.18 -7.86
C TRP A 121 -8.26 18.54 -8.43
N LEU A 122 -7.32 19.49 -8.44
CA LEU A 122 -7.59 20.89 -8.88
C LEU A 122 -6.47 21.42 -9.76
N GLN A 123 -6.86 22.06 -10.87
CA GLN A 123 -5.97 22.71 -11.84
C GLN A 123 -6.20 24.23 -11.81
N ASN A 124 -5.18 25.01 -11.44
CA ASN A 124 -5.28 26.49 -11.30
C ASN A 124 -6.61 26.87 -10.64
N GLY A 125 -6.98 26.21 -9.53
CA GLY A 125 -8.22 26.49 -8.77
C GLY A 125 -9.47 25.86 -9.37
N LYS A 126 -9.40 25.20 -10.52
CA LYS A 126 -10.61 24.65 -11.20
C LYS A 126 -10.61 23.12 -11.03
N PRO A 127 -11.66 22.55 -10.40
CA PRO A 127 -11.74 21.10 -10.24
C PRO A 127 -11.48 20.44 -11.59
N VAL A 128 -10.82 19.28 -11.57
CA VAL A 128 -10.31 18.62 -12.81
C VAL A 128 -10.33 17.10 -12.62
N THR A 129 -10.88 16.39 -13.61
CA THR A 129 -11.09 14.92 -13.64
C THR A 129 -10.93 14.44 -15.09
N THR A 130 -9.73 14.01 -15.47
CA THR A 130 -9.55 13.42 -16.82
C THR A 130 -8.45 12.37 -16.74
N GLY A 131 -8.86 11.10 -16.80
CA GLY A 131 -8.00 9.93 -16.58
C GLY A 131 -7.65 9.78 -15.11
N VAL A 132 -8.40 10.45 -14.24
CA VAL A 132 -8.18 10.35 -12.77
C VAL A 132 -8.43 8.89 -12.40
N SER A 133 -7.52 8.36 -11.59
CA SER A 133 -7.60 7.02 -10.97
C SER A 133 -7.17 7.14 -9.51
N GLU A 134 -7.42 6.08 -8.77
CA GLU A 134 -7.13 5.95 -7.33
C GLU A 134 -6.95 4.47 -7.04
N THR A 135 -6.04 4.13 -6.14
CA THR A 135 -5.98 2.75 -5.62
C THR A 135 -7.15 2.55 -4.67
N VAL A 136 -7.39 1.32 -4.26
CA VAL A 136 -8.25 0.98 -3.09
C VAL A 136 -7.54 1.51 -1.84
N PHE A 137 -8.21 1.39 -0.71
CA PHE A 137 -7.65 1.69 0.63
C PHE A 137 -6.67 0.59 0.97
N LEU A 138 -5.38 0.95 1.02
CA LEU A 138 -4.25 0.02 1.29
C LEU A 138 -4.08 -0.14 2.79
N PRO A 139 -3.83 -1.37 3.27
CA PRO A 139 -3.69 -1.65 4.70
C PRO A 139 -2.28 -1.33 5.23
N ARG A 140 -2.20 -1.02 6.52
CA ARG A 140 -0.95 -0.69 7.24
C ARG A 140 -0.86 -1.58 8.48
N GLU A 141 0.31 -1.62 9.14
CA GLU A 141 0.51 -2.53 10.31
C GLU A 141 -0.18 -1.94 11.56
N ASP A 142 -0.25 -0.62 11.68
CA ASP A 142 -1.01 0.03 12.78
C ASP A 142 -2.53 0.09 12.48
N HIS A 143 -3.03 -0.48 11.39
CA HIS A 143 -4.47 -0.71 11.06
C HIS A 143 -5.11 0.58 10.51
N LEU A 144 -4.31 1.64 10.34
CA LEU A 144 -4.70 2.86 9.60
C LEU A 144 -4.54 2.56 8.11
N PHE A 145 -4.72 3.53 7.23
CA PHE A 145 -4.79 3.28 5.79
C PHE A 145 -3.98 4.28 5.00
N ARG A 146 -3.90 4.00 3.72
CA ARG A 146 -3.27 4.87 2.71
C ARG A 146 -3.97 4.59 1.40
N LYS A 147 -3.99 5.58 0.52
CA LYS A 147 -4.68 5.54 -0.79
C LYS A 147 -3.89 6.45 -1.73
N PHE A 148 -3.89 6.09 -3.00
CA PHE A 148 -3.07 6.75 -4.03
C PHE A 148 -4.03 7.32 -5.05
N TYR A 149 -3.90 8.61 -5.34
CA TYR A 149 -4.67 9.32 -6.39
C TYR A 149 -3.69 9.80 -7.44
N TYR A 150 -4.12 9.68 -8.68
CA TYR A 150 -3.29 9.91 -9.88
C TYR A 150 -4.01 10.85 -10.85
N LEU A 151 -3.36 11.97 -11.16
CA LEU A 151 -3.82 12.94 -12.20
C LEU A 151 -2.86 12.83 -13.38
N PRO A 152 -3.32 12.20 -14.49
CA PRO A 152 -2.58 12.30 -15.75
C PRO A 152 -2.51 13.78 -16.12
N PHE A 153 -1.31 14.31 -16.45
CA PHE A 153 -1.07 15.76 -16.64
C PHE A 153 0.13 16.05 -17.55
N LEU A 154 0.27 17.31 -17.95
CA LEU A 154 1.28 17.83 -18.91
C LEU A 154 2.06 19.00 -18.31
N PRO A 155 3.37 18.83 -17.98
CA PRO A 155 4.15 19.91 -17.37
C PRO A 155 4.00 21.23 -18.13
N SER A 156 4.05 22.38 -17.47
CA SER A 156 3.50 23.65 -18.03
C SER A 156 4.15 24.96 -17.51
N ASN A 157 5.02 24.90 -16.50
CA ASN A 157 5.63 26.11 -15.86
C ASN A 157 4.52 26.89 -15.16
N GLU A 158 3.70 27.59 -15.97
CA GLU A 158 2.60 28.49 -15.54
C GLU A 158 1.31 27.66 -15.40
N ASP A 159 1.15 26.98 -14.26
CA ASP A 159 0.19 25.86 -14.08
C ASP A 159 0.38 25.24 -12.69
N VAL A 160 -0.54 25.48 -11.76
CA VAL A 160 -0.46 24.92 -10.38
C VAL A 160 -1.61 23.92 -10.19
N TYR A 161 -1.31 22.79 -9.52
CA TYR A 161 -2.23 21.69 -9.17
C TYR A 161 -2.31 21.57 -7.66
N ASP A 162 -3.52 21.37 -7.16
CA ASP A 162 -3.84 21.21 -5.72
C ASP A 162 -4.54 19.86 -5.53
N CYS A 163 -4.15 19.12 -4.50
CA CYS A 163 -4.90 17.93 -4.06
C CYS A 163 -5.63 18.29 -2.75
N LYS A 164 -6.95 18.37 -2.76
CA LYS A 164 -7.77 18.72 -1.57
C LYS A 164 -8.48 17.46 -1.09
N VAL A 165 -8.58 17.26 0.23
CA VAL A 165 -9.24 16.07 0.83
C VAL A 165 -10.21 16.50 1.94
N GLU A 166 -11.48 16.13 1.84
CA GLU A 166 -12.50 16.45 2.88
C GLU A 166 -12.73 15.24 3.82
N HIS A 167 -11.67 14.71 4.44
CA HIS A 167 -11.79 13.73 5.56
C HIS A 167 -12.43 14.46 6.74
N TRP A 168 -13.37 13.80 7.42
CA TRP A 168 -14.02 14.32 8.65
C TRP A 168 -13.29 13.76 9.87
N GLY A 169 -11.96 13.73 9.77
CA GLY A 169 -11.01 13.81 10.90
C GLY A 169 -10.26 15.12 10.85
N LEU A 170 -10.68 16.03 9.95
CA LEU A 170 -10.10 17.39 9.74
C LEU A 170 -11.14 18.47 10.05
N GLU A 171 -10.70 19.57 10.68
CA GLU A 171 -11.48 20.82 10.87
C GLU A 171 -11.80 21.39 9.48
N GLU A 172 -10.75 21.68 8.71
CA GLU A 172 -10.82 22.24 7.33
C GLU A 172 -10.07 21.35 6.34
N PRO A 173 -10.41 21.40 5.03
CA PRO A 173 -9.74 20.61 4.03
C PRO A 173 -8.22 20.65 4.16
N LEU A 174 -7.57 19.52 3.94
CA LEU A 174 -6.10 19.44 3.78
C LEU A 174 -5.84 19.57 2.29
N ILE A 175 -4.91 20.47 1.92
CA ILE A 175 -4.62 20.85 0.50
C ILE A 175 -3.10 20.98 0.31
N LYS A 176 -2.53 20.21 -0.62
CA LYS A 176 -1.08 20.31 -0.96
C LYS A 176 -0.96 20.74 -2.43
N HIS A 177 -0.10 21.73 -2.69
CA HIS A 177 0.07 22.33 -4.05
C HIS A 177 1.24 21.62 -4.71
N TRP A 178 1.34 21.71 -6.03
CA TRP A 178 2.59 21.41 -6.79
C TRP A 178 2.60 22.15 -8.15
N GLU A 179 3.77 22.60 -8.59
CA GLU A 179 3.98 23.25 -9.91
C GLU A 179 5.36 22.85 -10.45
N PHE A 180 5.84 23.47 -11.53
CA PHE A 180 7.20 23.22 -12.07
C PHE A 180 8.25 24.06 -11.33
N PRO B 4 -21.88 11.40 11.18
CA PRO B 4 -20.59 11.53 11.91
C PRO B 4 -20.10 10.22 12.59
N ALA B 5 -20.99 9.28 12.92
CA ALA B 5 -20.69 8.10 13.77
C ALA B 5 -20.41 6.87 12.90
N HIS B 6 -19.15 6.66 12.49
CA HIS B 6 -18.68 5.52 11.66
C HIS B 6 -18.19 4.36 12.54
N PHE B 7 -18.45 3.12 12.15
CA PHE B 7 -18.08 1.85 12.85
C PHE B 7 -17.37 0.89 11.89
N LEU B 8 -16.14 0.47 12.21
CA LEU B 8 -15.20 -0.16 11.24
C LEU B 8 -14.70 -1.52 11.73
N TYR B 9 -14.61 -2.50 10.82
CA TYR B 9 -14.18 -3.89 11.11
C TYR B 9 -13.30 -4.44 9.97
N GLN B 10 -12.09 -4.86 10.32
CA GLN B 10 -10.97 -5.25 9.44
C GLN B 10 -10.59 -6.69 9.75
N VAL B 11 -10.71 -7.57 8.79
CA VAL B 11 -10.00 -8.87 8.90
C VAL B 11 -8.76 -8.82 8.02
N LYS B 12 -7.62 -9.24 8.58
CA LYS B 12 -6.34 -9.23 7.82
C LYS B 12 -5.60 -10.57 8.00
N PHE B 13 -5.55 -11.40 6.95
CA PHE B 13 -4.83 -12.71 6.97
C PHE B 13 -3.42 -12.47 6.40
N GLU B 14 -2.38 -12.61 7.23
CA GLU B 14 -0.95 -12.26 6.93
C GLU B 14 -0.13 -13.55 6.74
N CYS B 15 0.62 -13.68 5.64
CA CYS B 15 1.65 -14.74 5.46
C CYS B 15 3.04 -14.10 5.40
N GLN B 16 3.87 -14.36 6.40
CA GLN B 16 5.30 -13.92 6.44
C GLN B 16 6.18 -15.10 6.00
N PHE B 17 7.00 -14.82 4.99
CA PHE B 17 7.91 -15.79 4.35
C PHE B 17 9.33 -15.31 4.58
N SER B 18 10.20 -16.22 5.00
CA SER B 18 11.67 -16.01 5.06
C SER B 18 12.38 -17.22 4.43
N ASN B 19 13.44 -16.93 3.67
CA ASN B 19 14.33 -17.95 3.05
C ASN B 19 13.43 -18.93 2.26
N GLY B 20 12.80 -18.40 1.22
CA GLY B 20 11.86 -19.17 0.39
C GLY B 20 10.55 -19.38 1.10
N THR B 21 10.24 -20.63 1.48
CA THR B 21 9.07 -21.05 2.29
C THR B 21 9.53 -22.08 3.34
N GLU B 22 10.73 -21.90 3.91
CA GLU B 22 11.21 -22.77 5.03
C GLU B 22 10.90 -22.03 6.35
N ARG B 23 10.49 -20.76 6.27
CA ARG B 23 10.00 -19.96 7.43
C ARG B 23 8.69 -19.23 7.10
N VAL B 24 7.58 -19.87 7.47
CA VAL B 24 6.19 -19.47 7.12
C VAL B 24 5.46 -19.20 8.43
N ARG B 25 5.07 -17.95 8.65
CA ARG B 25 4.22 -17.50 9.78
C ARG B 25 2.84 -17.07 9.24
N TYR B 26 1.79 -17.70 9.75
CA TYR B 26 0.39 -17.31 9.50
C TYR B 26 -0.08 -16.40 10.64
N LEU B 27 -0.83 -15.36 10.28
CA LEU B 27 -1.47 -14.40 11.19
C LEU B 27 -2.86 -14.13 10.65
N HIS B 28 -3.87 -14.61 11.37
CA HIS B 28 -5.27 -14.14 11.30
C HIS B 28 -5.46 -13.07 12.39
N ARG B 29 -5.90 -11.86 12.04
CA ARG B 29 -6.23 -10.78 13.01
C ARG B 29 -7.66 -10.31 12.78
N SER B 30 -8.48 -10.20 13.83
CA SER B 30 -9.80 -9.50 13.84
C SER B 30 -9.67 -8.12 14.49
N ILE B 31 -9.89 -7.07 13.71
CA ILE B 31 -9.63 -5.69 14.20
C ILE B 31 -10.94 -4.90 14.17
N TYR B 32 -11.47 -4.50 15.35
CA TYR B 32 -12.67 -3.63 15.49
C TYR B 32 -12.21 -2.22 15.88
N ASN B 33 -12.86 -1.24 15.28
CA ASN B 33 -12.49 0.20 15.31
C ASN B 33 -10.97 0.33 15.55
N GLY B 34 -10.13 -0.35 14.75
CA GLY B 34 -8.65 -0.15 14.66
C GLY B 34 -7.84 -0.79 15.80
N GLN B 35 -8.50 -1.61 16.63
CA GLN B 35 -7.90 -2.33 17.79
C GLN B 35 -7.98 -3.83 17.56
N GLU B 36 -6.84 -4.51 17.47
CA GLU B 36 -6.74 -5.99 17.35
C GLU B 36 -7.36 -6.65 18.60
N ASP B 37 -8.40 -7.47 18.42
CA ASP B 37 -9.19 -8.06 19.53
C ASP B 37 -8.80 -9.52 19.75
N VAL B 38 -8.77 -10.27 18.68
CA VAL B 38 -8.42 -11.71 18.73
C VAL B 38 -7.48 -11.95 17.56
N ARG B 39 -6.51 -12.81 17.76
CA ARG B 39 -5.48 -13.11 16.75
C ARG B 39 -5.12 -14.58 16.85
N PHE B 40 -5.29 -15.33 15.77
CA PHE B 40 -4.61 -16.63 15.58
C PHE B 40 -3.25 -16.36 14.96
N ASP B 41 -2.19 -16.92 15.57
CA ASP B 41 -0.78 -16.89 15.10
C ASP B 41 -0.24 -18.32 15.03
N SER B 42 0.26 -18.75 13.87
CA SER B 42 0.74 -20.13 13.57
C SER B 42 1.79 -20.60 14.59
N ASP B 43 2.77 -19.75 14.93
CA ASP B 43 3.82 -19.95 15.97
C ASP B 43 3.25 -20.14 17.40
N VAL B 44 1.97 -19.87 17.66
CA VAL B 44 1.28 -20.10 18.97
C VAL B 44 0.32 -21.30 18.86
N GLY B 45 -0.40 -21.45 17.74
CA GLY B 45 -1.20 -22.66 17.45
C GLY B 45 -2.63 -22.58 17.93
N GLU B 46 -3.09 -21.42 18.42
CA GLU B 46 -4.44 -21.21 19.00
C GLU B 46 -4.82 -19.72 18.95
N PHE B 47 -6.11 -19.41 19.07
CA PHE B 47 -6.56 -18.00 19.17
C PHE B 47 -6.12 -17.47 20.51
N ARG B 48 -5.72 -16.20 20.54
CA ARG B 48 -5.44 -15.44 21.78
C ARG B 48 -6.32 -14.20 21.81
N ALA B 49 -7.13 -14.04 22.84
CA ALA B 49 -7.89 -12.78 23.10
C ALA B 49 -6.91 -11.66 23.52
N LEU B 50 -6.71 -10.66 22.66
CA LEU B 50 -5.85 -9.49 22.93
C LEU B 50 -6.56 -8.52 23.90
N THR B 51 -7.82 -8.21 23.66
CA THR B 51 -8.70 -7.46 24.60
C THR B 51 -9.83 -8.38 25.13
N GLU B 52 -10.45 -8.01 26.24
CA GLU B 52 -11.66 -8.70 26.76
C GLU B 52 -12.55 -9.13 25.58
N LEU B 53 -13.05 -8.18 24.79
CA LEU B 53 -14.07 -8.39 23.72
C LEU B 53 -13.84 -9.73 22.99
N GLY B 54 -12.59 -10.23 23.00
CA GLY B 54 -12.20 -11.49 22.35
C GLY B 54 -12.68 -12.72 23.10
N ARG B 55 -12.33 -12.81 24.38
CA ARG B 55 -12.47 -14.05 25.20
C ARG B 55 -13.50 -14.98 24.56
N PRO B 56 -14.79 -14.62 24.55
CA PRO B 56 -15.81 -15.53 24.04
C PRO B 56 -15.39 -16.16 22.70
N ARG B 57 -14.98 -15.36 21.70
CA ARG B 57 -14.66 -15.86 20.33
C ARG B 57 -13.47 -16.81 20.37
N ALA B 58 -12.35 -16.37 20.97
CA ALA B 58 -11.13 -17.18 21.12
C ALA B 58 -11.48 -18.48 21.85
N GLU B 59 -12.10 -18.37 23.02
CA GLU B 59 -12.69 -19.51 23.78
C GLU B 59 -13.43 -20.41 22.80
N TYR B 60 -14.36 -19.82 22.03
CA TYR B 60 -15.36 -20.54 21.21
C TYR B 60 -14.66 -21.15 20.01
N TRP B 61 -13.70 -20.41 19.46
CA TRP B 61 -13.00 -20.83 18.21
C TRP B 61 -12.04 -21.97 18.51
N ASN B 62 -11.33 -21.93 19.64
CA ASN B 62 -10.41 -23.03 20.07
C ASN B 62 -11.22 -24.29 20.36
N SER B 63 -12.47 -24.12 20.84
CA SER B 63 -13.42 -25.21 21.12
C SER B 63 -13.91 -25.84 19.81
N GLN B 64 -13.92 -25.07 18.72
CA GLN B 64 -14.31 -25.58 17.38
C GLN B 64 -13.16 -26.41 16.82
N LYS B 65 -13.04 -27.68 17.22
CA LYS B 65 -11.88 -28.57 16.91
C LYS B 65 -11.59 -28.58 15.41
N ASP B 66 -12.63 -28.43 14.56
CA ASP B 66 -12.56 -28.58 13.08
C ASP B 66 -11.92 -27.34 12.45
N TYR B 67 -12.44 -26.16 12.78
CA TYR B 67 -11.88 -24.85 12.34
C TYR B 67 -10.43 -24.69 12.83
N LEU B 68 -10.13 -25.13 14.05
CA LEU B 68 -8.79 -24.91 14.66
C LEU B 68 -7.76 -25.61 13.77
N GLU B 69 -8.09 -26.81 13.29
CA GLU B 69 -7.19 -27.59 12.41
C GLU B 69 -7.06 -26.81 11.10
N ASP B 70 -8.15 -26.22 10.60
CA ASP B 70 -8.09 -25.37 9.37
C ASP B 70 -7.02 -24.29 9.59
N GLU B 71 -7.09 -23.59 10.74
CA GLU B 71 -6.20 -22.44 11.01
C GLU B 71 -4.77 -22.96 11.18
N ARG B 72 -4.58 -24.00 11.99
CA ARG B 72 -3.25 -24.63 12.23
C ARG B 72 -2.59 -24.96 10.90
N ALA B 73 -3.37 -25.37 9.89
CA ALA B 73 -2.90 -25.96 8.62
C ALA B 73 -2.71 -24.89 7.51
N SER B 74 -3.11 -23.65 7.78
CA SER B 74 -3.20 -22.57 6.77
C SER B 74 -1.80 -22.24 6.23
N VAL B 75 -0.74 -22.51 6.99
CA VAL B 75 0.62 -22.15 6.53
C VAL B 75 0.93 -22.95 5.27
N ASP B 76 0.20 -24.06 5.07
CA ASP B 76 0.37 -24.97 3.90
C ASP B 76 -0.72 -24.66 2.87
N THR B 77 -1.97 -25.01 3.16
CA THR B 77 -3.09 -24.90 2.20
C THR B 77 -3.26 -23.46 1.70
N TYR B 78 -2.92 -22.43 2.51
CA TYR B 78 -3.14 -20.98 2.17
C TYR B 78 -1.79 -20.29 1.88
N CYS B 79 -0.89 -20.14 2.85
CA CYS B 79 0.38 -19.40 2.65
C CYS B 79 1.22 -20.05 1.54
N ARG B 80 1.70 -21.27 1.74
CA ARG B 80 2.63 -21.95 0.81
C ARG B 80 2.03 -21.95 -0.61
N HIS B 81 0.76 -22.33 -0.73
CA HIS B 81 -0.01 -22.27 -2.00
C HIS B 81 0.11 -20.85 -2.58
N ASN B 82 -0.49 -19.82 -1.95
CA ASN B 82 -0.56 -18.46 -2.55
C ASN B 82 0.86 -17.99 -2.92
N TYR B 83 1.87 -18.27 -2.11
CA TYR B 83 3.27 -17.90 -2.45
C TYR B 83 3.72 -18.64 -3.72
N GLY B 84 3.30 -19.89 -3.93
CA GLY B 84 3.62 -20.67 -5.15
C GLY B 84 3.25 -19.89 -6.41
N VAL B 85 1.98 -19.46 -6.45
CA VAL B 85 1.33 -18.66 -7.52
C VAL B 85 2.07 -17.32 -7.69
N LEU B 86 2.39 -16.61 -6.62
CA LEU B 86 3.19 -15.35 -6.70
C LEU B 86 4.59 -15.59 -7.27
N ASP B 87 5.26 -16.67 -6.84
CA ASP B 87 6.66 -16.95 -7.24
C ASP B 87 6.73 -16.84 -8.76
N GLY B 88 5.63 -17.25 -9.42
CA GLY B 88 5.41 -17.30 -10.88
C GLY B 88 5.39 -15.95 -11.59
N PHE B 89 5.33 -14.81 -10.90
CA PHE B 89 5.38 -13.48 -11.58
C PHE B 89 5.78 -12.35 -10.65
N LEU B 90 5.20 -12.29 -9.46
CA LEU B 90 5.35 -11.13 -8.54
C LEU B 90 6.67 -11.16 -7.79
N VAL B 91 7.01 -12.31 -7.22
CA VAL B 91 8.07 -12.44 -6.18
C VAL B 91 9.36 -11.88 -6.78
N HIS B 92 9.76 -12.32 -7.97
CA HIS B 92 11.07 -11.90 -8.57
C HIS B 92 10.89 -10.78 -9.60
N ARG B 93 9.76 -10.07 -9.58
CA ARG B 93 9.55 -8.88 -10.47
C ARG B 93 10.70 -7.91 -10.24
N GLN B 94 11.42 -7.57 -11.32
CA GLN B 94 12.41 -6.48 -11.38
C GLN B 94 11.93 -5.51 -12.48
N THR B 95 12.22 -4.22 -12.27
CA THR B 95 11.91 -3.10 -13.18
C THR B 95 13.01 -2.08 -12.90
N ALA B 96 13.90 -1.83 -13.86
CA ALA B 96 15.12 -1.00 -13.66
C ALA B 96 14.73 0.46 -13.59
N PRO B 97 15.53 1.33 -12.93
CA PRO B 97 15.14 2.72 -12.74
C PRO B 97 15.30 3.54 -14.03
N THR B 98 15.10 4.86 -13.95
CA THR B 98 15.27 5.85 -15.05
C THR B 98 15.98 7.06 -14.42
N VAL B 99 17.31 6.95 -14.29
CA VAL B 99 18.15 7.90 -13.51
C VAL B 99 18.53 9.14 -14.35
N THR B 100 18.22 10.34 -13.83
CA THR B 100 18.41 11.68 -14.46
C THR B 100 18.86 12.67 -13.40
N VAL B 101 19.82 13.56 -13.71
CA VAL B 101 20.39 14.58 -12.77
C VAL B 101 20.01 15.98 -13.26
N PHE B 102 19.97 16.97 -12.34
CA PHE B 102 19.78 18.43 -12.61
C PHE B 102 20.00 19.26 -11.34
N PRO B 103 20.14 20.60 -11.45
CA PRO B 103 20.17 21.47 -10.27
C PRO B 103 18.76 21.62 -9.67
N ALA B 104 18.64 22.13 -8.44
CA ALA B 104 17.37 22.24 -7.68
C ALA B 104 16.75 23.63 -7.89
N LYS B 105 15.62 23.89 -7.20
CA LYS B 105 14.98 25.22 -7.00
C LYS B 105 14.69 25.86 -8.36
N ASN B 113 25.74 25.57 -4.99
CA ASN B 113 24.70 24.90 -5.81
C ASN B 113 24.31 23.57 -5.15
N LEU B 114 23.23 22.95 -5.63
CA LEU B 114 22.60 21.73 -5.07
C LEU B 114 22.05 20.90 -6.24
N LEU B 115 22.64 19.74 -6.48
CA LEU B 115 22.27 18.83 -7.60
C LEU B 115 21.39 17.72 -7.03
N VAL B 116 20.53 17.14 -7.88
CA VAL B 116 19.46 16.20 -7.46
C VAL B 116 19.52 15.00 -8.37
N CYS B 117 20.00 13.86 -7.85
CA CYS B 117 19.91 12.58 -8.57
C CYS B 117 18.53 11.95 -8.30
N SER B 118 17.78 11.72 -9.39
CA SER B 118 16.34 11.36 -9.37
C SER B 118 16.13 9.96 -9.94
N VAL B 119 16.21 8.94 -9.10
CA VAL B 119 15.99 7.53 -9.51
C VAL B 119 14.48 7.29 -9.50
N ASN B 120 13.95 6.77 -10.60
CA ASN B 120 12.48 6.67 -10.85
C ASN B 120 12.14 5.36 -11.55
N GLY B 121 11.06 4.69 -11.14
CA GLY B 121 10.43 3.56 -11.86
C GLY B 121 11.01 2.20 -11.49
N PHE B 122 11.83 2.14 -10.42
CA PHE B 122 12.64 0.95 -10.04
C PHE B 122 11.83 0.08 -9.10
N TYR B 123 11.99 -1.24 -9.26
CA TYR B 123 11.38 -2.27 -8.39
C TYR B 123 12.24 -3.52 -8.40
N PRO B 124 12.46 -4.19 -7.25
CA PRO B 124 11.88 -3.80 -5.97
C PRO B 124 12.69 -2.69 -5.27
N GLY B 125 12.32 -2.34 -4.03
CA GLY B 125 12.76 -1.12 -3.31
C GLY B 125 14.28 -1.06 -3.09
N PRO B 126 14.91 -2.12 -2.54
CA PRO B 126 16.33 -2.11 -2.24
C PRO B 126 17.19 -1.50 -3.37
N ILE B 127 18.07 -0.56 -3.03
CA ILE B 127 18.90 0.18 -4.01
C ILE B 127 20.11 0.75 -3.29
N GLU B 128 21.12 1.16 -4.06
CA GLU B 128 22.39 1.76 -3.58
C GLU B 128 22.62 2.94 -4.51
N VAL B 129 22.22 4.13 -4.08
CA VAL B 129 22.50 5.38 -4.83
C VAL B 129 23.66 6.08 -4.14
N ARG B 130 24.61 6.57 -4.92
CA ARG B 130 25.73 7.37 -4.37
C ARG B 130 26.10 8.46 -5.37
N TRP B 131 26.64 9.56 -4.84
CA TRP B 131 27.35 10.62 -5.59
C TRP B 131 28.85 10.34 -5.58
N LEU B 132 29.61 11.01 -6.46
CA LEU B 132 31.09 11.11 -6.37
C LEU B 132 31.64 12.39 -7.01
N ARG B 133 32.82 12.76 -6.57
CA ARG B 133 33.63 13.86 -7.16
C ARG B 133 34.84 13.14 -7.75
N ASP B 134 34.57 11.98 -8.36
CA ASP B 134 35.56 11.06 -8.95
C ASP B 134 36.44 10.49 -7.83
N GLU B 138 31.85 10.62 -1.87
CA GLU B 138 31.86 11.38 -0.60
C GLU B 138 30.65 11.01 0.24
N GLN B 139 30.55 11.54 1.45
CA GLN B 139 29.41 11.23 2.35
C GLN B 139 28.65 12.53 2.70
N ALA B 140 29.37 13.60 3.07
CA ALA B 140 28.81 14.89 3.54
C ALA B 140 28.11 15.59 2.37
N GLY B 141 27.02 16.32 2.66
CA GLY B 141 26.26 17.13 1.70
C GLY B 141 25.12 16.36 1.04
N VAL B 142 25.04 15.03 1.29
CA VAL B 142 24.08 14.10 0.62
C VAL B 142 22.83 13.95 1.49
N VAL B 143 21.69 14.27 0.87
CA VAL B 143 20.34 14.29 1.50
C VAL B 143 19.44 13.43 0.61
N SER B 144 18.77 12.43 1.19
CA SER B 144 17.83 11.53 0.48
C SER B 144 16.42 11.75 1.01
N THR B 145 15.42 11.52 0.16
CA THR B 145 13.99 11.47 0.53
C THR B 145 13.74 10.17 1.29
N GLY B 146 14.47 9.13 0.90
CA GLY B 146 14.19 7.73 1.27
C GLY B 146 13.35 7.10 0.20
N LEU B 147 13.14 5.80 0.29
CA LEU B 147 12.26 4.98 -0.59
C LEU B 147 10.81 5.51 -0.56
N ILE B 148 10.20 5.72 -1.74
CA ILE B 148 8.84 6.31 -1.90
C ILE B 148 7.98 5.40 -2.78
N ARG B 149 7.01 4.68 -2.22
CA ARG B 149 6.00 3.87 -2.97
C ARG B 149 5.26 4.85 -3.91
N ASN B 150 5.20 4.59 -5.22
CA ASN B 150 4.35 5.33 -6.21
C ASN B 150 3.00 4.63 -6.40
N GLY B 151 2.85 3.45 -5.80
CA GLY B 151 1.58 2.70 -5.74
C GLY B 151 1.25 1.94 -7.01
N ASP B 152 2.13 1.99 -8.03
CA ASP B 152 2.01 1.27 -9.32
C ASP B 152 3.10 0.18 -9.42
N TRP B 153 3.59 -0.26 -8.25
CA TRP B 153 4.72 -1.22 -8.11
C TRP B 153 6.01 -0.58 -8.63
N THR B 154 6.20 0.70 -8.38
CA THR B 154 7.47 1.42 -8.63
C THR B 154 7.83 2.28 -7.42
N PHE B 155 9.11 2.45 -7.21
CA PHE B 155 9.67 3.35 -6.18
C PHE B 155 10.30 4.52 -6.93
N GLN B 156 10.54 5.63 -6.22
CA GLN B 156 11.51 6.66 -6.64
C GLN B 156 12.33 7.03 -5.42
N MET B 157 13.28 7.94 -5.59
CA MET B 157 14.19 8.40 -4.52
C MET B 157 14.86 9.67 -5.01
N LEU B 158 14.75 10.78 -4.29
CA LEU B 158 15.48 12.01 -4.68
C LEU B 158 16.69 12.13 -3.77
N VAL B 159 17.85 11.69 -4.28
CA VAL B 159 19.16 11.79 -3.57
C VAL B 159 19.84 13.03 -4.12
N MET B 160 19.91 14.08 -3.31
CA MET B 160 20.44 15.41 -3.71
C MET B 160 21.78 15.58 -3.00
N LEU B 161 22.59 16.53 -3.46
CA LEU B 161 23.98 16.75 -2.97
C LEU B 161 24.38 18.21 -3.21
N GLU B 162 24.70 18.94 -2.13
CA GLU B 162 25.18 20.34 -2.21
C GLU B 162 26.57 20.30 -2.84
N THR B 163 26.96 21.36 -3.57
CA THR B 163 28.27 21.44 -4.27
C THR B 163 28.60 22.89 -4.68
N VAL B 164 29.80 23.35 -4.30
CA VAL B 164 30.49 24.54 -4.87
C VAL B 164 30.86 24.25 -6.33
N PRO B 165 30.49 25.13 -7.28
CA PRO B 165 30.55 24.80 -8.71
C PRO B 165 31.98 24.86 -9.26
N ARG B 166 32.87 24.03 -8.72
CA ARG B 166 34.33 23.99 -9.02
C ARG B 166 34.52 23.72 -10.54
N SER B 167 35.42 24.48 -11.18
CA SER B 167 35.56 24.61 -12.66
C SER B 167 36.11 23.31 -13.27
N GLY B 168 35.32 22.68 -14.15
CA GLY B 168 35.70 21.46 -14.88
C GLY B 168 35.73 20.22 -14.00
N GLU B 169 35.07 20.25 -12.83
CA GLU B 169 34.92 19.07 -11.93
C GLU B 169 33.71 18.26 -12.40
N VAL B 170 33.75 16.94 -12.17
CA VAL B 170 32.68 15.99 -12.59
C VAL B 170 32.02 15.43 -11.34
N TYR B 171 30.69 15.50 -11.31
CA TYR B 171 29.83 14.78 -10.34
C TYR B 171 29.16 13.64 -11.12
N THR B 172 29.36 12.42 -10.62
CA THR B 172 28.73 11.19 -11.12
C THR B 172 27.73 10.74 -10.04
N CYS B 173 26.48 10.49 -10.41
CA CYS B 173 25.49 9.77 -9.56
C CYS B 173 25.47 8.29 -9.99
N HIS B 174 25.74 7.37 -9.06
CA HIS B 174 25.91 5.92 -9.33
C HIS B 174 24.78 5.12 -8.64
N VAL B 175 24.15 4.19 -9.38
CA VAL B 175 22.93 3.43 -8.96
C VAL B 175 23.09 1.93 -9.28
N GLN B 176 23.42 1.11 -8.28
CA GLN B 176 23.45 -0.37 -8.43
C GLN B 176 22.16 -0.92 -7.83
N HIS B 177 21.31 -1.47 -8.69
CA HIS B 177 20.01 -2.08 -8.33
C HIS B 177 20.03 -3.50 -8.87
N PRO B 178 19.49 -4.52 -8.15
CA PRO B 178 19.31 -5.86 -8.72
C PRO B 178 18.42 -6.03 -9.98
N SER B 179 17.99 -4.94 -10.63
CA SER B 179 17.26 -4.99 -11.92
C SER B 179 18.19 -5.51 -13.03
N SER B 180 19.27 -4.78 -13.30
CA SER B 180 20.40 -5.19 -14.16
C SER B 180 21.69 -5.12 -13.34
N SER B 181 22.43 -6.24 -13.31
CA SER B 181 23.76 -6.44 -12.68
C SER B 181 24.66 -5.21 -12.90
N SER B 182 24.71 -4.69 -14.13
CA SER B 182 25.49 -3.49 -14.54
C SER B 182 24.90 -2.23 -13.92
N PRO B 183 25.73 -1.40 -13.24
CA PRO B 183 25.26 -0.22 -12.53
C PRO B 183 24.95 0.90 -13.52
N VAL B 184 23.81 1.56 -13.40
CA VAL B 184 23.53 2.83 -14.15
C VAL B 184 24.30 3.96 -13.45
N THR B 185 24.86 4.87 -14.23
CA THR B 185 25.70 6.01 -13.79
C THR B 185 25.39 7.19 -14.70
N VAL B 186 25.32 8.42 -14.17
CA VAL B 186 24.98 9.64 -14.96
C VAL B 186 25.82 10.81 -14.44
N GLU B 187 26.34 11.60 -15.37
CA GLU B 187 27.41 12.59 -15.15
C GLU B 187 26.82 13.99 -15.22
N TRP B 188 27.52 14.95 -14.65
CA TRP B 188 27.14 16.39 -14.69
C TRP B 188 28.41 17.21 -14.43
N ARG B 189 28.87 17.97 -15.43
CA ARG B 189 30.15 18.72 -15.42
C ARG B 189 29.90 20.11 -14.85
N ALA B 190 30.89 20.68 -14.15
CA ALA B 190 30.79 21.97 -13.43
C ALA B 190 31.82 22.95 -14.01
N ALA C 1 -3.45 -21.43 -12.43
CA ALA C 1 -2.79 -20.55 -11.41
C ALA C 1 -3.85 -19.77 -10.62
N SER C 2 -4.25 -20.28 -9.45
CA SER C 2 -5.38 -19.78 -8.61
C SER C 2 -4.87 -19.33 -7.24
N PHE C 3 -5.17 -18.07 -6.83
CA PHE C 3 -5.14 -17.64 -5.41
C PHE C 3 -6.32 -18.25 -4.65
N ILE C 4 -6.09 -18.63 -3.39
CA ILE C 4 -7.07 -19.31 -2.50
C ILE C 4 -7.25 -18.39 -1.28
N ILE C 5 -8.46 -18.33 -0.73
CA ILE C 5 -8.80 -17.38 0.38
C ILE C 5 -9.07 -18.19 1.65
N ARG C 6 -8.65 -17.64 2.79
CA ARG C 6 -9.18 -18.02 4.12
C ARG C 6 -10.50 -17.29 4.35
N SER C 7 -11.43 -17.95 5.04
CA SER C 7 -12.73 -17.39 5.44
C SER C 7 -12.80 -17.36 6.97
N MET C 8 -13.42 -16.32 7.51
CA MET C 8 -13.87 -16.23 8.93
C MET C 8 -15.18 -17.00 9.05
N PRO C 9 -15.50 -17.65 10.19
CA PRO C 9 -16.89 -17.92 10.58
C PRO C 9 -17.53 -16.77 11.37
N GLN C 10 -18.75 -16.98 11.90
CA GLN C 10 -19.58 -15.92 12.56
C GLN C 10 -19.43 -15.94 14.08
N GLU C 11 -20.22 -15.10 14.77
CA GLU C 11 -20.41 -15.11 16.26
C GLU C 11 -21.89 -14.89 16.61
N THR C 12 -22.46 -15.74 17.47
CA THR C 12 -23.89 -15.69 17.92
C THR C 12 -24.13 -14.38 18.67
#